data_3RMO
#
_entry.id   3RMO
#
_cell.length_a   70.120
_cell.length_b   71.030
_cell.length_c   72.750
_cell.angle_alpha   90.00
_cell.angle_beta   100.40
_cell.angle_gamma   90.00
#
_symmetry.space_group_name_H-M   'C 1 2 1'
#
loop_
_entity.id
_entity.type
_entity.pdbx_description
1 polymer 'Thrombin Light Chain'
2 polymer 'Thrombin Heavy Chain'
3 polymer 'Hirudin variant-2'
4 non-polymer 2-acetamido-2-deoxy-beta-D-glucopyranose
5 non-polymer N-(benzylsulfonyl)-3-cyclohexyl-D-alanyl-N-[2-(aminomethyl)-5-chlorobenzyl]-L-prolinamide
6 non-polymer GLYCEROL
7 non-polymer 'PHOSPHATE ION'
8 non-polymer 'SODIUM ION'
9 water water
#
loop_
_entity_poly.entity_id
_entity_poly.type
_entity_poly.pdbx_seq_one_letter_code
_entity_poly.pdbx_strand_id
1 'polypeptide(L)' TFGSGEADCGLRPLFEKKSLEDKTERELLESYIDGR L
2 'polypeptide(L)'
;IVEGSDAEIGMSPWQVMLFRKSPQELLCGASLISDRWVLTAAHCLLYPPWDKNFTENDLLVRIGKHSRTRYERNIEKISM
LEKIYIHPRYNWRENLDRDIALMKLKKPVAFSDYIHPVCLPDRETAASLLQAGYKGRVTGWGNLKETWTANVGKGQPSVL
QVVNLPIVERPVCKDSTRIRITDNMFCAGYKPDEGKRGDACEGDSGGPFVMKSPFNNRWYQMGIVSWGEGCDRDGKYGFY
THVFRLKKWIQKVIDQFGE
;
H
3 'polypeptide(L)' NGDFEEIPEE(TYS)LQ I
#
loop_
_chem_comp.id
_chem_comp.type
_chem_comp.name
_chem_comp.formula
GOL non-polymer GLYCEROL 'C3 H8 O3'
NA non-polymer 'SODIUM ION' 'Na 1'
NAG D-saccharide, beta linking 2-acetamido-2-deoxy-beta-D-glucopyranose 'C8 H15 N O6'
PO4 non-polymer 'PHOSPHATE ION' 'O4 P -3'
S04 peptide-like N-(benzylsulfonyl)-3-cyclohexyl-D-alanyl-N-[2-(aminomethyl)-5-chlorobenzyl]-L-prolinamide 'C29 H39 Cl N4 O4 S'
#
# COMPACT_ATOMS: atom_id res chain seq x y z
N GLU A 6 -6.59 15.75 -4.06
CA GLU A 6 -5.59 16.80 -3.86
C GLU A 6 -5.84 17.54 -2.56
N ALA A 7 -6.60 18.63 -2.63
CA ALA A 7 -6.88 19.44 -1.45
C ALA A 7 -7.58 18.64 -0.35
N ASP A 8 -8.30 17.60 -0.77
CA ASP A 8 -9.11 16.81 0.14
C ASP A 8 -8.46 15.46 0.48
N CYS A 9 -7.22 15.28 0.07
CA CYS A 9 -6.57 13.98 0.24
C CYS A 9 -6.53 13.55 1.71
N GLY A 10 -6.60 12.24 1.93
CA GLY A 10 -6.34 11.68 3.24
C GLY A 10 -7.43 11.89 4.28
N LEU A 11 -8.58 12.41 3.86
CA LEU A 11 -9.72 12.57 4.74
C LEU A 11 -10.81 11.61 4.27
N ARG A 12 -11.09 10.58 5.06
CA ARG A 12 -12.00 9.52 4.63
C ARG A 12 -13.45 9.92 4.76
N PRO A 13 -14.24 9.69 3.71
CA PRO A 13 -15.66 10.05 3.75
C PRO A 13 -16.41 9.43 4.93
N LEU A 14 -16.09 8.20 5.31
CA LEU A 14 -16.86 7.54 6.37
C LEU A 14 -16.24 7.71 7.75
N PHE A 15 -15.12 8.43 7.82
CA PHE A 15 -14.44 8.66 9.09
C PHE A 15 -14.17 10.14 9.32
N GLU A 16 -13.02 10.64 8.88
CA GLU A 16 -12.70 12.05 9.17
C GLU A 16 -13.80 13.01 8.72
N LYS A 17 -14.40 12.77 7.57
CA LYS A 17 -15.39 13.71 7.06
CA LYS A 17 -15.41 13.68 7.03
C LYS A 17 -16.65 13.77 7.92
N LYS A 18 -16.88 12.72 8.71
CA LYS A 18 -18.03 12.66 9.62
C LYS A 18 -17.63 12.77 11.08
N SER A 19 -16.37 13.07 11.33
CA SER A 19 -15.81 13.02 12.68
C SER A 19 -16.10 11.69 13.40
N LEU A 20 -15.95 10.58 12.67
CA LEU A 20 -15.98 9.26 13.27
C LEU A 20 -14.59 8.65 13.24
N GLU A 21 -14.22 7.96 14.32
CA GLU A 21 -12.90 7.32 14.39
C GLU A 21 -13.03 5.83 14.13
N ASP A 22 -12.01 5.27 13.47
CA ASP A 22 -12.00 3.83 13.29
C ASP A 22 -11.49 3.15 14.56
N LYS A 23 -11.58 1.83 14.62
CA LYS A 23 -11.38 1.12 15.88
C LYS A 23 -9.95 1.08 16.39
N THR A 24 -8.97 1.37 15.53
CA THR A 24 -7.58 1.27 15.96
C THR A 24 -6.70 2.48 15.67
N GLU A 25 -7.28 3.55 15.15
CA GLU A 25 -6.44 4.70 14.81
C GLU A 25 -5.83 5.32 16.08
N ARG A 26 -6.49 5.15 17.22
CA ARG A 26 -5.94 5.65 18.48
CA ARG A 26 -5.95 5.65 18.48
C ARG A 26 -4.59 5.01 18.79
N GLU A 27 -4.41 3.75 18.39
CA GLU A 27 -3.13 3.07 18.60
C GLU A 27 -2.00 3.81 17.89
N LEU A 28 -2.29 4.32 16.70
CA LEU A 28 -1.30 5.09 15.97
C LEU A 28 -1.00 6.40 16.71
N LEU A 29 -2.06 7.12 17.08
CA LEU A 29 -1.88 8.40 17.76
C LEU A 29 -1.04 8.23 19.02
N GLU A 30 -1.31 7.18 19.78
CA GLU A 30 -0.58 6.99 21.04
C GLU A 30 0.90 6.73 20.84
N SER A 31 1.28 6.24 19.66
CA SER A 31 2.67 5.96 19.37
C SER A 31 3.43 7.21 18.95
N TYR A 32 2.69 8.27 18.61
CA TYR A 32 3.33 9.50 18.12
C TYR A 32 3.70 10.39 19.31
N ILE A 33 4.81 10.06 19.95
CA ILE A 33 5.19 10.71 21.20
C ILE A 33 6.18 11.84 20.94
N ILE B 1 -1.85 -10.26 4.68
CA ILE B 1 -1.51 -9.67 5.97
C ILE B 1 -1.60 -10.73 7.05
N VAL B 2 -0.54 -10.85 7.84
CA VAL B 2 -0.47 -11.83 8.93
C VAL B 2 -0.80 -11.17 10.26
N GLU B 3 -1.70 -11.79 11.02
CA GLU B 3 -2.05 -11.32 12.35
C GLU B 3 -2.70 -9.94 12.36
N GLY B 4 -3.43 -9.63 11.29
CA GLY B 4 -4.22 -8.41 11.25
C GLY B 4 -5.67 -8.70 11.54
N SER B 5 -6.54 -7.76 11.16
CA SER B 5 -7.97 -7.95 11.33
CA SER B 5 -7.97 -7.89 11.37
C SER B 5 -8.72 -7.44 10.11
N ASP B 6 -10.01 -7.76 10.04
CA ASP B 6 -10.85 -7.28 8.96
C ASP B 6 -10.92 -5.76 9.01
N ALA B 7 -10.74 -5.13 7.85
CA ALA B 7 -10.93 -3.69 7.75
C ALA B 7 -12.39 -3.32 8.01
N GLU B 8 -12.60 -2.12 8.53
CA GLU B 8 -13.94 -1.56 8.57
C GLU B 8 -14.30 -1.07 7.17
N ILE B 9 -15.59 -0.95 6.91
CA ILE B 9 -16.04 -0.40 5.64
C ILE B 9 -15.52 1.04 5.47
N GLY B 10 -14.91 1.32 4.33
CA GLY B 10 -14.39 2.63 4.03
C GLY B 10 -13.16 3.05 4.83
N MET B 11 -12.52 2.09 5.49
CA MET B 11 -11.39 2.39 6.37
C MET B 11 -10.15 2.78 5.58
N SER B 12 -10.03 2.25 4.35
CA SER B 12 -8.86 2.50 3.51
CA SER B 12 -8.86 2.49 3.51
C SER B 12 -9.33 2.76 2.08
N PRO B 13 -9.98 3.92 1.86
CA PRO B 13 -10.65 4.14 0.58
C PRO B 13 -9.70 4.41 -0.57
N TRP B 14 -8.41 4.53 -0.25
CA TRP B 14 -7.36 4.62 -1.26
C TRP B 14 -6.81 3.26 -1.68
N GLN B 15 -7.27 2.18 -1.05
CA GLN B 15 -6.80 0.84 -1.37
CA GLN B 15 -6.75 0.87 -1.38
C GLN B 15 -7.13 0.48 -2.80
N VAL B 16 -6.16 -0.07 -3.54
CA VAL B 16 -6.39 -0.50 -4.91
C VAL B 16 -5.91 -1.94 -5.03
N MET B 17 -6.66 -2.73 -5.79
CA MET B 17 -6.25 -4.09 -6.12
C MET B 17 -5.78 -4.13 -7.55
N LEU B 18 -4.54 -4.58 -7.76
CA LEU B 18 -4.05 -4.84 -9.10
CA LEU B 18 -4.06 -4.84 -9.10
C LEU B 18 -4.52 -6.22 -9.48
N PHE B 19 -5.20 -6.32 -10.61
CA PHE B 19 -5.87 -7.56 -11.01
C PHE B 19 -5.42 -8.01 -12.39
N ARG B 20 -5.07 -9.29 -12.49
CA ARG B 20 -4.66 -9.86 -13.77
C ARG B 20 -5.91 -10.18 -14.59
N LYS B 21 -5.88 -9.85 -15.87
CA LYS B 21 -7.03 -10.09 -16.75
C LYS B 21 -7.22 -11.56 -17.07
N SER B 22 -6.12 -12.26 -17.32
CA SER B 22 -6.18 -13.68 -17.67
C SER B 22 -4.89 -14.42 -17.34
N PRO B 23 -4.96 -15.38 -16.40
CA PRO B 23 -6.19 -15.73 -15.69
C PRO B 23 -6.57 -14.62 -14.70
N GLN B 24 -7.85 -14.53 -14.38
CA GLN B 24 -8.31 -13.52 -13.43
C GLN B 24 -7.84 -13.87 -12.02
N GLU B 25 -6.94 -13.05 -11.48
CA GLU B 25 -6.39 -13.29 -10.15
C GLU B 25 -5.80 -12.01 -9.55
N LEU B 26 -5.67 -11.98 -8.23
CA LEU B 26 -5.01 -10.88 -7.55
C LEU B 26 -3.53 -10.87 -7.90
N LEU B 27 -3.02 -9.69 -8.26
CA LEU B 27 -1.58 -9.54 -8.49
C LEU B 27 -0.85 -8.81 -7.37
N CYS B 28 -1.48 -7.78 -6.82
CA CYS B 28 -0.79 -6.92 -5.88
C CYS B 28 -1.76 -5.93 -5.29
N GLY B 29 -1.30 -5.21 -4.28
CA GLY B 29 -1.98 -4.02 -3.81
C GLY B 29 -1.39 -2.80 -4.49
N ALA B 30 -2.00 -1.66 -4.20
CA ALA B 30 -1.65 -0.38 -4.81
C ALA B 30 -2.46 0.68 -4.05
N SER B 31 -2.26 1.95 -4.38
CA SER B 31 -3.00 3.01 -3.71
C SER B 31 -3.40 4.12 -4.67
N LEU B 32 -4.50 4.78 -4.35
CA LEU B 32 -5.02 5.85 -5.18
C LEU B 32 -4.48 7.18 -4.67
N ILE B 33 -3.74 7.90 -5.52
CA ILE B 33 -3.18 9.19 -5.08
C ILE B 33 -3.81 10.40 -5.78
N SER B 34 -4.67 10.15 -6.76
CA SER B 34 -5.46 11.20 -7.39
C SER B 34 -6.54 10.52 -8.20
N ASP B 35 -7.35 11.28 -8.93
CA ASP B 35 -8.39 10.64 -9.74
C ASP B 35 -7.86 9.89 -10.96
N ARG B 36 -6.56 10.00 -11.23
CA ARG B 36 -5.98 9.44 -12.45
CA ARG B 36 -5.98 9.44 -12.45
C ARG B 36 -4.72 8.61 -12.20
N TRP B 37 -4.19 8.66 -10.98
CA TRP B 37 -2.90 8.04 -10.71
C TRP B 37 -2.93 7.04 -9.57
N VAL B 38 -2.28 5.90 -9.79
CA VAL B 38 -2.19 4.83 -8.81
C VAL B 38 -0.72 4.51 -8.55
N LEU B 39 -0.39 4.33 -7.28
CA LEU B 39 0.98 4.08 -6.84
C LEU B 39 1.12 2.61 -6.43
N THR B 40 2.22 1.97 -6.80
CA THR B 40 2.43 0.58 -6.41
C THR B 40 3.93 0.30 -6.31
N ALA B 41 4.30 -0.95 -6.03
CA ALA B 41 5.69 -1.37 -6.04
C ALA B 41 6.10 -1.76 -7.46
N ALA B 42 7.32 -1.40 -7.83
CA ALA B 42 7.85 -1.79 -9.13
C ALA B 42 7.85 -3.32 -9.33
N HIS B 43 8.11 -4.09 -8.28
CA HIS B 43 8.20 -5.54 -8.44
C HIS B 43 6.85 -6.18 -8.71
N CYS B 44 5.77 -5.41 -8.53
CA CYS B 44 4.43 -5.87 -8.90
C CYS B 44 4.28 -5.95 -10.40
N LEU B 45 5.09 -5.18 -11.11
CA LEU B 45 4.99 -5.09 -12.57
C LEU B 45 6.19 -5.70 -13.26
N LEU B 46 7.37 -5.57 -12.66
CA LEU B 46 8.61 -6.00 -13.29
C LEU B 46 9.49 -6.73 -12.28
N TYR B 47 9.65 -8.02 -12.49
CA TYR B 47 10.54 -8.81 -11.64
C TYR B 47 11.10 -9.99 -12.44
N PRO B 48 12.17 -9.75 -13.19
CA PRO B 48 12.73 -10.76 -14.10
C PRO B 48 13.09 -12.10 -13.45
N PRO B 49 13.53 -12.12 -12.18
CA PRO B 49 13.85 -13.44 -11.62
C PRO B 49 12.66 -14.40 -11.63
N TRP B 50 11.44 -13.85 -11.68
CA TRP B 50 10.22 -14.65 -11.71
C TRP B 50 9.49 -14.55 -13.04
N ASP B 51 10.21 -14.08 -14.07
CA ASP B 51 9.63 -13.94 -15.41
C ASP B 51 8.41 -13.03 -15.42
N LYS B 52 8.42 -12.02 -14.54
CA LYS B 52 7.31 -11.07 -14.46
C LYS B 52 7.66 -9.79 -15.18
N ASN B 53 6.82 -9.42 -16.15
CA ASN B 53 7.00 -8.17 -16.87
C ASN B 53 5.69 -7.81 -17.51
N PHE B 54 4.81 -7.21 -16.73
CA PHE B 54 3.47 -6.91 -17.21
C PHE B 54 3.42 -5.66 -18.08
N THR B 55 2.51 -5.66 -19.04
CA THR B 55 2.25 -4.47 -19.85
C THR B 55 0.87 -3.92 -19.46
N GLU B 56 0.57 -2.71 -19.91
CA GLU B 56 -0.68 -2.05 -19.54
C GLU B 56 -1.89 -2.93 -19.78
N ASN B 57 -1.92 -3.60 -20.93
CA ASN B 57 -3.10 -4.36 -21.34
C ASN B 57 -3.27 -5.68 -20.60
N ASP B 58 -2.28 -6.03 -19.79
CA ASP B 58 -2.34 -7.28 -19.02
C ASP B 58 -3.18 -7.11 -17.76
N LEU B 59 -3.44 -5.87 -17.37
CA LEU B 59 -3.86 -5.55 -16.01
C LEU B 59 -5.12 -4.70 -15.93
N LEU B 60 -5.78 -4.78 -14.78
CA LEU B 60 -6.85 -3.86 -14.41
C LEU B 60 -6.59 -3.38 -12.99
N VAL B 61 -7.13 -2.23 -12.64
CA VAL B 61 -7.16 -1.83 -11.24
C VAL B 61 -8.59 -1.82 -10.73
N ARG B 62 -8.77 -2.32 -9.52
CA ARG B 62 -10.10 -2.38 -8.91
C ARG B 62 -10.06 -1.54 -7.65
N ILE B 63 -10.92 -0.54 -7.59
CA ILE B 63 -10.87 0.51 -6.56
C ILE B 63 -12.17 0.50 -5.79
N GLY B 64 -12.12 0.78 -4.49
CA GLY B 64 -13.30 0.76 -3.65
C GLY B 64 -13.68 -0.59 -3.10
N LYS B 65 -12.75 -1.55 -3.15
CA LYS B 65 -13.08 -2.92 -2.76
C LYS B 65 -12.95 -3.19 -1.26
N HIS B 66 -13.69 -4.20 -0.81
CA HIS B 66 -13.60 -4.70 0.54
C HIS B 66 -13.40 -6.22 0.47
N SER B 67 -14.39 -6.92 -0.08
CA SER B 67 -14.26 -8.34 -0.34
C SER B 67 -13.08 -8.61 -1.28
N ARG B 68 -12.31 -9.66 -1.01
CA ARG B 68 -11.22 -10.03 -1.89
C ARG B 68 -11.71 -10.58 -3.22
N THR B 69 -12.65 -11.53 -3.17
CA THR B 69 -13.00 -12.29 -4.37
C THR B 69 -14.29 -11.89 -5.07
N ARG B 70 -15.19 -11.22 -4.37
N ARG B 70 -15.19 -11.22 -4.35
CA ARG B 70 -16.50 -10.91 -4.95
CA ARG B 70 -16.49 -10.85 -4.92
C ARG B 70 -16.44 -9.68 -5.85
C ARG B 70 -16.39 -9.68 -5.89
N TYR B 71 -17.30 -9.66 -6.87
CA TYR B 71 -17.46 -8.46 -7.69
C TYR B 71 -18.45 -7.55 -6.97
N GLU B 72 -17.94 -6.44 -6.47
CA GLU B 72 -18.73 -5.61 -5.55
C GLU B 72 -19.55 -4.57 -6.31
N ARG B 73 -20.62 -5.07 -6.91
CA ARG B 73 -21.52 -4.30 -7.74
C ARG B 73 -21.99 -3.01 -7.05
N ASN B 74 -21.94 -1.92 -7.79
CA ASN B 74 -22.37 -0.60 -7.31
C ASN B 74 -21.42 0.05 -6.30
N ILE B 75 -20.31 -0.61 -6.00
CA ILE B 75 -19.36 -0.09 -5.01
C ILE B 75 -17.97 0.04 -5.61
N GLU B 76 -17.41 -1.07 -6.07
CA GLU B 76 -16.08 -0.99 -6.67
C GLU B 76 -16.16 -0.41 -8.07
N LYS B 77 -15.04 0.17 -8.52
CA LYS B 77 -14.91 0.65 -9.88
C LYS B 77 -13.66 0.03 -10.48
N ILE B 78 -13.77 -0.40 -11.72
CA ILE B 78 -12.68 -1.08 -12.40
C ILE B 78 -12.14 -0.19 -13.52
N SER B 79 -10.83 0.01 -13.53
CA SER B 79 -10.21 0.92 -14.48
C SER B 79 -9.14 0.24 -15.31
N MET B 80 -9.04 0.64 -16.58
CA MET B 80 -7.97 0.18 -17.45
C MET B 80 -6.76 1.10 -17.32
N LEU B 81 -5.58 0.58 -17.65
CA LEU B 81 -4.35 1.35 -17.54
C LEU B 81 -3.96 2.01 -18.85
N GLU B 82 -3.65 3.31 -18.78
CA GLU B 82 -3.13 4.02 -19.92
C GLU B 82 -1.62 3.79 -20.07
N LYS B 83 -0.89 3.88 -18.97
CA LYS B 83 0.56 3.77 -19.01
C LYS B 83 1.16 3.39 -17.66
N ILE B 84 2.18 2.56 -17.69
CA ILE B 84 2.98 2.20 -16.52
C ILE B 84 4.31 2.95 -16.55
N TYR B 85 4.73 3.46 -15.39
CA TYR B 85 6.03 4.11 -15.23
C TYR B 85 6.77 3.48 -14.07
N ILE B 86 7.94 2.92 -14.34
CA ILE B 86 8.75 2.29 -13.32
C ILE B 86 9.96 3.18 -13.03
N HIS B 87 10.37 3.29 -11.77
CA HIS B 87 11.54 4.11 -11.47
C HIS B 87 12.73 3.63 -12.30
N PRO B 88 13.43 4.57 -12.96
CA PRO B 88 14.53 4.19 -13.84
C PRO B 88 15.70 3.54 -13.12
N ARG B 89 15.81 3.74 -11.80
CA ARG B 89 16.88 3.12 -11.03
C ARG B 89 16.38 2.03 -10.07
N TYR B 90 15.19 1.50 -10.36
CA TYR B 90 14.68 0.34 -9.63
C TYR B 90 15.67 -0.81 -9.74
N ASN B 91 16.11 -1.31 -8.59
CA ASN B 91 17.12 -2.35 -8.54
C ASN B 91 16.52 -3.73 -8.26
N TRP B 92 16.01 -4.39 -9.30
CA TRP B 92 15.43 -5.71 -9.14
C TRP B 92 16.51 -6.79 -9.03
N ARG B 93 17.75 -6.43 -9.34
CA ARG B 93 18.83 -7.41 -9.38
C ARG B 93 19.33 -7.78 -7.99
N GLU B 94 19.32 -6.80 -7.09
CA GLU B 94 19.96 -7.00 -5.79
C GLU B 94 19.00 -6.97 -4.61
N ASN B 95 18.36 -5.82 -4.38
CA ASN B 95 17.72 -5.57 -3.09
C ASN B 95 16.40 -4.80 -3.19
N LEU B 96 15.84 -4.72 -4.39
CA LEU B 96 14.59 -3.97 -4.62
C LEU B 96 14.72 -2.48 -4.24
N ASP B 97 15.92 -1.93 -4.34
CA ASP B 97 16.11 -0.49 -4.12
C ASP B 97 15.19 0.30 -5.06
N ARG B 98 14.52 1.32 -4.52
CA ARG B 98 13.65 2.20 -5.31
C ARG B 98 12.49 1.40 -5.92
N ASP B 99 11.83 0.63 -5.08
CA ASP B 99 10.76 -0.26 -5.49
C ASP B 99 9.45 0.52 -5.62
N ILE B 100 9.30 1.23 -6.73
CA ILE B 100 8.17 2.14 -6.88
C ILE B 100 7.77 2.24 -8.35
N ALA B 101 6.46 2.32 -8.58
CA ALA B 101 5.93 2.48 -9.93
C ALA B 101 4.63 3.27 -9.87
N LEU B 102 4.34 3.98 -10.94
CA LEU B 102 3.09 4.69 -11.10
C LEU B 102 2.29 4.11 -12.24
N MET B 103 0.97 4.12 -12.10
CA MET B 103 0.08 3.70 -13.17
C MET B 103 -0.92 4.82 -13.43
N LYS B 104 -1.01 5.26 -14.68
CA LYS B 104 -1.99 6.28 -15.05
C LYS B 104 -3.21 5.59 -15.63
N LEU B 105 -4.39 5.96 -15.12
CA LEU B 105 -5.65 5.36 -15.56
C LEU B 105 -6.11 5.93 -16.91
N LYS B 106 -6.81 5.13 -17.68
CA LYS B 106 -7.32 5.61 -18.97
C LYS B 106 -8.32 6.75 -18.78
N LYS B 107 -9.11 6.66 -17.72
CA LYS B 107 -10.13 7.67 -17.42
C LYS B 107 -10.12 7.94 -15.92
N PRO B 108 -10.47 9.17 -15.52
CA PRO B 108 -10.52 9.47 -14.09
C PRO B 108 -11.59 8.63 -13.39
N VAL B 109 -11.30 8.24 -12.15
CA VAL B 109 -12.25 7.48 -11.34
C VAL B 109 -13.08 8.45 -10.50
N ALA B 110 -14.37 8.13 -10.35
CA ALA B 110 -15.26 8.95 -9.52
C ALA B 110 -15.06 8.62 -8.06
N PHE B 111 -14.81 9.65 -7.24
CA PHE B 111 -14.69 9.43 -5.80
C PHE B 111 -16.06 9.13 -5.21
N SER B 112 -16.07 8.46 -4.06
CA SER B 112 -17.30 8.07 -3.39
C SER B 112 -17.00 7.83 -1.92
N ASP B 113 -17.97 7.30 -1.18
CA ASP B 113 -17.69 6.95 0.22
C ASP B 113 -16.58 5.91 0.32
N TYR B 114 -16.36 5.16 -0.76
CA TYR B 114 -15.46 3.99 -0.72
C TYR B 114 -14.19 4.19 -1.53
N ILE B 115 -14.12 5.32 -2.23
CA ILE B 115 -13.01 5.63 -3.12
C ILE B 115 -12.54 7.05 -2.87
N HIS B 116 -11.31 7.20 -2.41
CA HIS B 116 -10.81 8.52 -2.04
C HIS B 116 -9.29 8.45 -1.94
N PRO B 117 -8.58 9.48 -2.43
CA PRO B 117 -7.11 9.42 -2.46
C PRO B 117 -6.43 9.69 -1.13
N VAL B 118 -5.26 9.06 -0.95
CA VAL B 118 -4.41 9.28 0.21
C VAL B 118 -3.45 10.43 -0.11
N CYS B 119 -2.95 11.13 0.90
CA CYS B 119 -1.94 12.17 0.68
C CYS B 119 -0.55 11.57 0.54
N LEU B 120 0.30 12.22 -0.24
CA LEU B 120 1.72 11.92 -0.22
C LEU B 120 2.43 12.91 0.70
N PRO B 121 3.42 12.42 1.46
CA PRO B 121 4.08 13.25 2.47
C PRO B 121 4.93 14.35 1.87
N ASP B 122 4.94 15.49 2.55
CA ASP B 122 5.91 16.54 2.33
C ASP B 122 7.12 16.26 3.21
N ARG B 123 8.20 17.00 3.00
CA ARG B 123 9.42 16.79 3.77
C ARG B 123 9.17 16.89 5.29
N GLU B 124 8.36 17.87 5.69
CA GLU B 124 8.15 18.12 7.11
C GLU B 124 7.34 17.00 7.79
N THR B 125 6.30 16.54 7.13
CA THR B 125 5.49 15.47 7.69
CA THR B 125 5.49 15.46 7.68
C THR B 125 6.32 14.18 7.80
N ALA B 126 7.14 13.92 6.78
CA ALA B 126 8.03 12.75 6.80
C ALA B 126 9.03 12.82 7.96
N ALA B 127 9.66 13.98 8.12
CA ALA B 127 10.62 14.16 9.20
C ALA B 127 9.95 13.95 10.55
N SER B 128 8.73 14.47 10.70
CA SER B 128 8.02 14.38 11.97
CA SER B 128 8.03 14.38 11.98
C SER B 128 7.56 12.97 12.32
N LEU B 129 7.12 12.22 11.30
CA LEU B 129 6.47 10.94 11.54
C LEU B 129 7.31 9.69 11.33
N LEU B 130 8.34 9.76 10.50
CA LEU B 130 9.15 8.59 10.22
C LEU B 130 10.20 8.41 11.30
N GLN B 131 9.76 7.96 12.46
CA GLN B 131 10.62 7.81 13.61
C GLN B 131 10.40 6.46 14.24
N ALA B 132 11.47 5.85 14.75
CA ALA B 132 11.38 4.55 15.39
C ALA B 132 10.32 4.57 16.49
N GLY B 133 9.47 3.55 16.51
CA GLY B 133 8.44 3.46 17.52
C GLY B 133 7.08 3.97 17.04
N TYR B 134 7.10 4.92 16.11
CA TYR B 134 5.85 5.45 15.58
C TYR B 134 5.20 4.39 14.71
N LYS B 135 3.88 4.22 14.86
CA LYS B 135 3.19 3.18 14.14
C LYS B 135 2.51 3.66 12.87
N GLY B 136 2.56 2.81 11.85
CA GLY B 136 1.77 3.02 10.65
C GLY B 136 0.86 1.84 10.45
N ARG B 137 0.13 1.88 9.34
CA ARG B 137 -0.91 0.90 9.09
C ARG B 137 -0.72 0.31 7.69
N VAL B 138 -0.75 -1.01 7.62
CA VAL B 138 -0.60 -1.72 6.34
C VAL B 138 -1.87 -2.49 6.04
N THR B 139 -2.29 -2.47 4.78
CA THR B 139 -3.54 -3.11 4.39
C THR B 139 -3.34 -3.91 3.12
N GLY B 140 -4.11 -4.99 2.99
CA GLY B 140 -4.06 -5.76 1.77
C GLY B 140 -4.86 -7.03 1.80
N TRP B 141 -4.91 -7.70 0.66
CA TRP B 141 -5.67 -8.94 0.51
C TRP B 141 -4.73 -10.13 0.35
N GLY B 142 -3.47 -9.95 0.73
CA GLY B 142 -2.48 -11.00 0.63
C GLY B 142 -2.69 -12.12 1.63
N ASN B 143 -1.79 -13.10 1.61
CA ASN B 143 -1.97 -14.29 2.41
C ASN B 143 -1.94 -14.02 3.91
N LEU B 144 -2.67 -14.85 4.65
CA LEU B 144 -2.78 -14.71 6.10
C LEU B 144 -1.60 -15.36 6.84
N LYS B 145 -0.85 -16.20 6.13
CA LYS B 145 0.30 -16.89 6.71
C LYS B 145 1.35 -17.14 5.65
N GLU B 146 2.59 -17.30 6.07
CA GLU B 146 3.67 -17.54 5.13
C GLU B 146 3.45 -18.84 4.37
N THR B 147 3.02 -19.88 5.09
CA THR B 147 2.89 -21.21 4.48
C THR B 147 1.60 -21.90 4.89
N GLY B 155 -5.76 -19.46 4.95
CA GLY B 155 -4.70 -19.10 4.03
C GLY B 155 -4.90 -17.73 3.40
N GLN B 156 -6.09 -17.50 2.85
CA GLN B 156 -6.39 -16.22 2.20
C GLN B 156 -7.67 -15.58 2.75
N PRO B 157 -7.71 -14.25 2.82
CA PRO B 157 -8.81 -13.56 3.52
C PRO B 157 -10.08 -13.38 2.69
N SER B 158 -11.21 -13.35 3.37
CA SER B 158 -12.48 -13.00 2.74
C SER B 158 -12.51 -11.51 2.39
N VAL B 159 -12.02 -10.68 3.30
CA VAL B 159 -12.04 -9.23 3.08
C VAL B 159 -10.70 -8.57 3.39
N LEU B 160 -10.57 -7.31 3.00
CA LEU B 160 -9.37 -6.53 3.21
C LEU B 160 -8.91 -6.63 4.65
N GLN B 161 -7.60 -6.85 4.84
CA GLN B 161 -7.01 -6.97 6.17
C GLN B 161 -6.19 -5.73 6.51
N VAL B 162 -6.09 -5.46 7.80
CA VAL B 162 -5.38 -4.29 8.29
CA VAL B 162 -5.40 -4.29 8.31
C VAL B 162 -4.51 -4.67 9.49
N VAL B 163 -3.31 -4.10 9.55
CA VAL B 163 -2.46 -4.30 10.73
C VAL B 163 -1.67 -3.02 11.01
N ASN B 164 -1.55 -2.65 12.29
CA ASN B 164 -0.73 -1.50 12.67
C ASN B 164 0.62 -2.00 13.16
N LEU B 165 1.69 -1.37 12.71
CA LEU B 165 3.05 -1.84 12.99
C LEU B 165 3.98 -0.67 13.26
N PRO B 166 4.89 -0.84 14.24
CA PRO B 166 5.85 0.22 14.55
C PRO B 166 7.05 0.26 13.62
N ILE B 167 7.44 1.47 13.24
CA ILE B 167 8.70 1.69 12.54
C ILE B 167 9.87 1.26 13.43
N VAL B 168 10.87 0.64 12.83
CA VAL B 168 11.99 0.07 13.57
C VAL B 168 13.27 0.88 13.34
N GLU B 169 14.10 0.99 14.36
CA GLU B 169 15.40 1.66 14.27
C GLU B 169 16.23 1.12 13.11
N ARG B 170 16.86 2.00 12.33
CA ARG B 170 17.59 1.56 11.16
CA ARG B 170 17.61 1.56 11.15
C ARG B 170 18.68 0.50 11.45
N PRO B 171 19.43 0.66 12.57
CA PRO B 171 20.44 -0.37 12.83
C PRO B 171 19.85 -1.75 13.09
N VAL B 172 18.66 -1.79 13.69
CA VAL B 172 17.97 -3.04 13.94
C VAL B 172 17.49 -3.64 12.61
N CYS B 173 16.94 -2.80 11.73
CA CYS B 173 16.58 -3.28 10.40
C CYS B 173 17.80 -3.90 9.72
N LYS B 174 18.91 -3.18 9.72
CA LYS B 174 20.13 -3.64 9.07
C LYS B 174 20.63 -4.97 9.65
N ASP B 175 20.57 -5.09 10.97
CA ASP B 175 21.09 -6.28 11.66
C ASP B 175 20.17 -7.49 11.58
N SER B 176 18.99 -7.30 10.99
CA SER B 176 18.00 -8.39 10.88
C SER B 176 18.14 -9.19 9.59
N THR B 177 19.06 -8.79 8.71
CA THR B 177 19.09 -9.32 7.36
C THR B 177 20.49 -9.26 6.79
N ARG B 178 20.76 -10.07 5.79
CA ARG B 178 22.01 -9.99 5.04
C ARG B 178 21.84 -9.12 3.80
N ILE B 179 20.60 -8.77 3.47
CA ILE B 179 20.34 -7.91 2.34
C ILE B 179 20.87 -6.50 2.62
N ARG B 180 21.42 -5.85 1.59
CA ARG B 180 21.91 -4.48 1.74
C ARG B 180 20.73 -3.52 1.78
N ILE B 181 20.53 -2.85 2.91
CA ILE B 181 19.46 -1.89 3.08
CA ILE B 181 19.43 -1.91 2.98
C ILE B 181 19.90 -0.52 2.57
N THR B 182 18.97 0.28 2.06
CA THR B 182 19.33 1.60 1.58
C THR B 182 18.43 2.66 2.19
N ASP B 183 18.82 3.92 2.02
CA ASP B 183 18.02 5.04 2.51
C ASP B 183 16.63 5.10 1.86
N ASN B 184 16.43 4.38 0.76
CA ASN B 184 15.14 4.36 0.06
C ASN B 184 14.17 3.33 0.63
N MET B 185 14.53 2.77 1.78
CA MET B 185 13.74 1.77 2.47
C MET B 185 13.64 2.11 3.94
N PHE B 186 12.54 1.71 4.57
CA PHE B 186 12.49 1.65 6.03
C PHE B 186 11.87 0.32 6.43
N CYS B 187 12.06 -0.10 7.67
CA CYS B 187 11.44 -1.36 8.08
C CYS B 187 10.51 -1.16 9.27
N ALA B 188 9.56 -2.09 9.41
CA ALA B 188 8.56 -1.99 10.45
C ALA B 188 8.15 -3.38 10.92
N GLY B 189 7.66 -3.46 12.15
CA GLY B 189 7.25 -4.72 12.73
C GLY B 189 7.65 -4.78 14.17
N TYR B 190 7.09 -5.75 14.89
CA TYR B 190 7.44 -5.94 16.28
C TYR B 190 8.69 -6.79 16.44
N LYS B 191 9.43 -6.53 17.51
CA LYS B 191 10.61 -7.33 17.85
C LYS B 191 10.17 -8.62 18.56
N PRO B 192 11.03 -9.63 18.53
CA PRO B 192 10.66 -10.90 19.18
C PRO B 192 10.20 -10.70 20.63
N ASP B 193 10.84 -9.79 21.36
CA ASP B 193 10.51 -9.60 22.78
C ASP B 193 9.30 -8.71 23.05
N GLU B 194 8.66 -8.23 21.98
CA GLU B 194 7.55 -7.30 22.14
C GLU B 194 6.18 -7.97 22.28
N GLY B 195 6.13 -9.28 22.03
CA GLY B 195 4.89 -10.03 22.20
C GLY B 195 3.96 -9.97 20.99
N LYS B 196 3.49 -8.77 20.66
CA LYS B 196 2.62 -8.57 19.52
C LYS B 196 3.35 -8.92 18.23
N ARG B 197 2.60 -9.19 17.17
CA ARG B 197 3.22 -9.48 15.88
C ARG B 197 2.39 -8.96 14.72
N GLY B 198 2.70 -9.41 13.52
CA GLY B 198 2.05 -8.90 12.31
C GLY B 198 3.04 -8.52 11.24
N ASP B 199 2.61 -8.64 9.98
CA ASP B 199 3.48 -8.37 8.84
C ASP B 199 2.61 -8.36 7.59
N ALA B 200 3.16 -7.80 6.52
CA ALA B 200 2.62 -8.03 5.19
C ALA B 200 3.03 -9.44 4.75
N CYS B 201 2.44 -9.91 3.66
CA CYS B 201 2.79 -11.21 3.12
C CYS B 201 2.61 -11.21 1.61
N GLU B 202 2.83 -12.36 0.99
CA GLU B 202 2.60 -12.52 -0.44
C GLU B 202 1.22 -12.01 -0.84
N GLY B 203 1.17 -11.16 -1.85
CA GLY B 203 -0.07 -10.58 -2.31
C GLY B 203 -0.33 -9.16 -1.80
N ASP B 204 0.38 -8.78 -0.73
CA ASP B 204 0.23 -7.44 -0.15
C ASP B 204 1.18 -6.45 -0.81
N SER B 205 2.16 -6.98 -1.54
CA SER B 205 3.09 -6.18 -2.33
C SER B 205 2.41 -5.00 -3.00
N GLY B 206 3.03 -3.83 -2.92
CA GLY B 206 2.55 -2.65 -3.61
C GLY B 206 1.51 -1.85 -2.84
N GLY B 207 0.95 -2.42 -1.77
CA GLY B 207 -0.02 -1.72 -0.94
C GLY B 207 0.62 -0.64 -0.10
N PRO B 208 -0.21 0.16 0.57
CA PRO B 208 0.30 1.32 1.30
C PRO B 208 0.60 1.07 2.77
N PHE B 209 1.64 1.75 3.27
CA PHE B 209 1.93 1.90 4.69
C PHE B 209 1.57 3.35 4.97
N VAL B 210 0.50 3.55 5.73
CA VAL B 210 -0.01 4.90 5.98
C VAL B 210 0.11 5.32 7.43
N MET B 211 0.15 6.63 7.67
CA MET B 211 0.18 7.19 9.01
C MET B 211 -0.79 8.34 9.05
N LYS B 212 -1.47 8.52 10.18
CA LYS B 212 -2.41 9.63 10.33
C LYS B 212 -1.73 10.79 11.05
N SER B 213 -1.53 11.89 10.34
CA SER B 213 -0.82 13.01 10.94
C SER B 213 -1.59 13.56 12.12
N PRO B 214 -0.94 13.69 13.28
CA PRO B 214 -1.61 14.31 14.43
C PRO B 214 -1.67 15.84 14.31
N PHE B 215 -1.01 16.39 13.30
CA PHE B 215 -0.99 17.84 13.08
C PHE B 215 -2.19 18.31 12.29
N ASN B 216 -2.60 17.55 11.28
CA ASN B 216 -3.73 18.00 10.46
C ASN B 216 -4.80 16.92 10.26
N ASN B 217 -4.65 15.80 10.98
CA ASN B 217 -5.61 14.70 10.95
C ASN B 217 -5.87 14.10 9.57
N ARG B 218 -4.86 14.16 8.71
CA ARG B 218 -4.93 13.54 7.39
C ARG B 218 -4.05 12.29 7.31
N TRP B 219 -4.47 11.34 6.50
CA TRP B 219 -3.66 10.15 6.24
C TRP B 219 -2.65 10.36 5.12
N TYR B 220 -1.41 9.97 5.41
CA TYR B 220 -0.29 10.08 4.48
C TYR B 220 0.28 8.71 4.18
N GLN B 221 0.60 8.46 2.91
CA GLN B 221 1.28 7.23 2.57
C GLN B 221 2.79 7.39 2.68
N MET B 222 3.37 6.79 3.71
CA MET B 222 4.80 6.91 3.96
C MET B 222 5.59 5.81 3.27
N GLY B 223 4.96 4.64 3.05
CA GLY B 223 5.68 3.49 2.52
C GLY B 223 4.86 2.70 1.53
N ILE B 224 5.53 1.82 0.81
CA ILE B 224 4.92 0.86 -0.09
C ILE B 224 5.42 -0.51 0.31
N VAL B 225 4.50 -1.47 0.46
CA VAL B 225 4.88 -2.83 0.84
C VAL B 225 5.87 -3.38 -0.20
N SER B 226 7.09 -3.69 0.24
CA SER B 226 8.16 -4.07 -0.69
C SER B 226 8.65 -5.50 -0.48
N TRP B 227 9.31 -5.77 0.65
CA TRP B 227 9.88 -7.11 0.84
C TRP B 227 10.03 -7.54 2.29
N GLY B 228 10.14 -8.85 2.45
CA GLY B 228 10.33 -9.44 3.76
C GLY B 228 10.80 -10.88 3.56
N GLU B 229 11.68 -11.32 4.44
CA GLU B 229 12.18 -12.69 4.37
C GLU B 229 11.17 -13.62 5.02
N GLY B 230 10.28 -14.17 4.20
CA GLY B 230 9.12 -14.90 4.69
C GLY B 230 8.00 -13.92 5.03
N CYS B 231 7.13 -14.31 5.95
CA CYS B 231 6.11 -13.40 6.49
C CYS B 231 6.01 -13.59 8.00
N ASP B 232 6.07 -12.50 8.74
CA ASP B 232 5.88 -12.51 10.19
C ASP B 232 6.83 -13.45 10.92
N ARG B 233 8.08 -13.56 10.45
CA ARG B 233 9.05 -14.39 11.15
C ARG B 233 9.66 -13.61 12.32
N ASP B 234 9.90 -14.31 13.43
CA ASP B 234 10.58 -13.70 14.55
C ASP B 234 11.96 -13.23 14.11
N GLY B 235 12.28 -11.98 14.41
CA GLY B 235 13.60 -11.43 14.14
C GLY B 235 13.74 -10.88 12.74
N LYS B 236 12.69 -11.03 11.93
CA LYS B 236 12.65 -10.38 10.63
C LYS B 236 11.69 -9.19 10.69
N TYR B 237 11.77 -8.31 9.70
CA TYR B 237 10.92 -7.14 9.60
C TYR B 237 10.41 -6.98 8.17
N GLY B 238 9.34 -6.23 8.00
CA GLY B 238 8.88 -5.89 6.67
C GLY B 238 9.60 -4.65 6.22
N PHE B 239 9.97 -4.61 4.95
CA PHE B 239 10.64 -3.47 4.37
C PHE B 239 9.73 -2.76 3.38
N TYR B 240 9.73 -1.43 3.49
CA TYR B 240 8.80 -0.56 2.78
C TYR B 240 9.57 0.49 1.97
N THR B 241 9.11 0.74 0.75
CA THR B 241 9.69 1.81 -0.05
C THR B 241 9.44 3.16 0.64
N HIS B 242 10.49 3.98 0.74
CA HIS B 242 10.42 5.29 1.40
C HIS B 242 9.84 6.28 0.41
N VAL B 243 8.52 6.51 0.48
CA VAL B 243 7.82 7.31 -0.51
C VAL B 243 8.38 8.72 -0.61
N PHE B 244 8.59 9.38 0.53
CA PHE B 244 9.09 10.74 0.45
C PHE B 244 10.44 10.84 -0.25
N ARG B 245 11.34 9.90 0.01
CA ARG B 245 12.66 9.93 -0.61
C ARG B 245 12.57 9.86 -2.12
N LEU B 246 11.48 9.30 -2.63
CA LEU B 246 11.31 9.13 -4.07
C LEU B 246 10.26 10.08 -4.65
N LYS B 247 9.84 11.06 -3.84
CA LYS B 247 8.76 11.93 -4.27
C LYS B 247 9.12 12.83 -5.46
N LYS B 248 10.39 13.21 -5.58
CA LYS B 248 10.81 14.03 -6.71
C LYS B 248 10.54 13.30 -8.02
N TRP B 249 10.76 11.99 -8.02
CA TRP B 249 10.50 11.20 -9.21
C TRP B 249 8.99 11.12 -9.50
N ILE B 250 8.20 10.88 -8.45
CA ILE B 250 6.76 10.85 -8.57
C ILE B 250 6.25 12.14 -9.21
N GLN B 251 6.70 13.27 -8.67
CA GLN B 251 6.29 14.58 -9.16
C GLN B 251 6.72 14.82 -10.60
N LYS B 252 7.93 14.39 -10.96
CA LYS B 252 8.44 14.54 -12.31
C LYS B 252 7.55 13.80 -13.30
N VAL B 253 7.18 12.57 -12.95
CA VAL B 253 6.32 11.76 -13.81
C VAL B 253 4.94 12.38 -13.97
N ILE B 254 4.34 12.77 -12.87
CA ILE B 254 3.01 13.36 -12.92
C ILE B 254 3.01 14.69 -13.67
N ASP B 255 4.05 15.49 -13.48
CA ASP B 255 4.16 16.77 -14.18
C ASP B 255 4.32 16.57 -15.68
N GLN B 256 5.04 15.53 -16.07
CA GLN B 256 5.39 15.31 -17.48
C GLN B 256 4.30 14.59 -18.26
N PHE B 257 3.56 13.71 -17.60
CA PHE B 257 2.61 12.85 -18.28
C PHE B 257 1.17 13.03 -17.80
N GLY B 258 0.97 13.97 -16.89
CA GLY B 258 -0.35 14.24 -16.36
C GLY B 258 -1.15 15.20 -17.23
N ASP C 3 -11.86 -19.07 -8.22
CA ASP C 3 -11.70 -18.43 -6.91
C ASP C 3 -12.33 -17.04 -6.88
N PHE C 4 -12.11 -16.27 -7.94
CA PHE C 4 -12.68 -14.93 -8.03
C PHE C 4 -13.98 -14.91 -8.82
N GLU C 5 -14.95 -14.11 -8.36
CA GLU C 5 -16.19 -13.93 -9.10
C GLU C 5 -15.89 -13.26 -10.44
N GLU C 6 -16.54 -13.73 -11.50
CA GLU C 6 -16.36 -13.13 -12.80
C GLU C 6 -16.67 -11.65 -12.74
N ILE C 7 -15.88 -10.84 -13.44
CA ILE C 7 -16.17 -9.41 -13.53
C ILE C 7 -16.83 -9.14 -14.87
N PRO C 8 -17.62 -8.05 -14.95
CA PRO C 8 -18.35 -7.72 -16.18
C PRO C 8 -17.44 -7.71 -17.41
N GLU C 9 -17.92 -8.29 -18.51
CA GLU C 9 -17.14 -8.46 -19.73
C GLU C 9 -16.63 -7.12 -20.28
N GLU C 10 -17.35 -6.05 -19.98
CA GLU C 10 -16.99 -4.73 -20.48
C GLU C 10 -15.56 -4.33 -20.10
N TYS C 11 -15.09 -4.84 -18.96
CA TYS C 11 -13.76 -4.47 -18.48
CB TYS C 11 -13.74 -4.56 -16.96
CG TYS C 11 -14.75 -3.74 -16.28
CD1 TYS C 11 -14.70 -2.38 -16.41
CD2 TYS C 11 -15.78 -4.36 -15.51
CE1 TYS C 11 -15.68 -1.57 -15.75
CE2 TYS C 11 -16.73 -3.57 -14.87
CZ TYS C 11 -16.69 -2.19 -14.99
OH TYS C 11 -17.66 -1.39 -14.34
S TYS C 11 -17.44 -0.90 -12.96
O1 TYS C 11 -16.35 0.17 -12.99
O2 TYS C 11 -18.67 -0.35 -12.54
O3 TYS C 11 -17.05 -1.98 -12.07
C TYS C 11 -12.67 -5.31 -19.09
O TYS C 11 -11.47 -5.06 -18.83
N LEU C 12 -13.06 -6.30 -19.90
CA LEU C 12 -12.11 -7.19 -20.54
C LEU C 12 -12.03 -6.92 -22.03
N GLN C 13 -13.09 -6.32 -22.57
CA GLN C 13 -13.13 -6.00 -23.99
C GLN C 13 -12.06 -4.99 -24.35
C1 NAG D . 9.91 -5.85 -20.28
C2 NAG D . 11.26 -6.07 -20.97
C3 NAG D . 11.65 -4.89 -21.77
C4 NAG D . 10.61 -4.58 -22.72
C5 NAG D . 9.30 -4.34 -22.05
C6 NAG D . 8.28 -4.14 -23.05
C7 NAG D . 12.82 -5.58 -18.93
C8 NAG D . 12.36 -4.18 -18.74
N2 NAG D . 12.28 -6.46 -20.00
O3 NAG D . 12.88 -5.15 -22.44
O4 NAG D . 10.97 -3.48 -23.55
O5 NAG D . 8.91 -5.51 -21.20
O6 NAG D . 7.78 -5.28 -23.68
O7 NAG D . 13.67 -6.03 -18.19
C7 S04 E . 11.45 -15.43 -0.25
S8 S04 E . 10.45 -14.11 -0.03
C6 S04 E . 12.15 -15.75 1.06
C1 S04 E . 11.54 -16.59 1.98
C2 S04 E . 12.18 -16.88 3.19
C32 S04 E . 13.42 -16.31 3.47
C4 S04 E . 14.03 -15.48 2.55
C5 S04 E . 13.40 -15.19 1.34
O15 S04 E . 9.69 -13.93 -1.23
O16 S04 E . 9.58 -14.31 1.10
C12 S04 E . 13.52 -10.17 -1.40
C35 S04 E . 14.56 -9.26 -0.72
C36 S04 E . 15.13 -8.26 -1.72
C37 S04 E . 15.72 -8.97 -2.93
C38 S04 E . 14.72 -9.92 -3.58
C39 S04 E . 14.18 -10.92 -2.56
N9 S04 E . 11.36 -12.80 0.25
C10 S04 E . 11.72 -11.88 -0.81
C11 S04 E . 12.98 -11.15 -0.36
C13 S04 E . 10.58 -10.92 -1.02
O17 S04 E . 10.06 -10.36 -0.07
N14 S04 E . 10.16 -10.70 -2.28
C18 S04 E . 9.04 -9.79 -2.53
C19 S04 E . 7.86 -10.05 -1.63
O20 S04 E . 7.47 -11.20 -1.42
C23 S04 E . 8.66 -10.07 -3.97
C24 S04 E . 9.90 -10.67 -4.61
C25 S04 E . 10.69 -11.33 -3.49
N21 S04 E . 7.26 -9.01 -1.08
C22 S04 E . 6.09 -9.14 -0.23
C26 S04 E . 6.37 -8.93 1.24
C27 S04 E . 6.49 -10.00 2.12
C28 S04 E . 6.35 -11.43 1.63
N34 S04 E . 7.68 -12.04 1.50
C29 S04 E . 6.71 -9.78 3.47
C30 S04 E . 6.82 -8.49 3.95
C31 S04 E . 6.71 -7.42 3.07
CL3 S04 E . 6.85 -5.76 3.67
C33 S04 E . 6.47 -7.64 1.72
C1 GOL F . 3.02 -10.16 -3.97
O1 GOL F . 3.73 -10.48 -2.85
C2 GOL F . 3.38 -10.86 -5.23
O2 GOL F . 2.57 -10.53 -6.29
C3 GOL F . 4.84 -10.75 -5.55
O3 GOL F . 5.19 -10.95 -6.88
C1 GOL G . 14.27 4.88 11.10
O1 GOL G . 13.81 4.42 12.31
C2 GOL G . 13.65 4.32 9.87
O2 GOL G . 13.64 5.19 8.80
C3 GOL G . 14.16 2.96 9.51
O3 GOL G . 13.25 1.93 9.54
P PO4 H . 21.74 0.75 -6.42
O1 PO4 H . 22.90 -0.15 -6.79
O2 PO4 H . 22.25 2.09 -5.95
O3 PO4 H . 20.89 0.11 -5.35
O4 PO4 H . 20.86 0.95 -7.64
NA NA I . 22.96 -7.05 8.13
NA NA J . 8.95 -10.28 12.40
#